data_7HP0
#
_entry.id   7HP0
#
_cell.length_a   42.200
_cell.length_b   42.200
_cell.length_c   216.120
_cell.angle_alpha   90.00
_cell.angle_beta   90.00
_cell.angle_gamma   90.00
#
_symmetry.space_group_name_H-M   'P 43 2 2'
#
loop_
_entity.id
_entity.type
_entity.pdbx_description
1 polymer 'Serine protease subunit NS2B'
2 polymer 'Serine protease NS3'
3 non-polymer 'DIMETHYL SULFOXIDE'
4 non-polymer N-[2-(methanesulfonyl)-5-(piperazin-1-yl)phenyl]quinoline-5-carboxamide
5 water water
#
loop_
_entity_poly.entity_id
_entity_poly.type
_entity_poly.pdbx_seq_one_letter_code
_entity_poly.pdbx_strand_id
1 'polypeptide(L)' SMGKSVDMYIERAGDITWEKDAEVTGNSPRLDVALDESGDFSLVEE A
2 'polypeptide(L)'
;MKEVKKGETTDGVYRVMTRRLLGSTQVGVGVMQEGVFHTMWHVTKGAALRSGEGRLDPYWGDVKQDLVSYCGPWKLDAAW
DGLSEVQLLAVPPGERAKNIQTLPGIFKTKDGDIGAVALDYPAGTSGSPILDKCGRVIGLYGNGVVIKNGSYVSAITQGK
REEETPVE
;
B
#
loop_
_chem_comp.id
_chem_comp.type
_chem_comp.name
_chem_comp.formula
A1BGL non-polymer N-[2-(methanesulfonyl)-5-(piperazin-1-yl)phenyl]quinoline-5-carboxamide 'C21 H22 N4 O3 S'
DMS non-polymer 'DIMETHYL SULFOXIDE' 'C2 H6 O S'
#
# COMPACT_ATOMS: atom_id res chain seq x y z
N ASP A 7 11.91 12.47 -13.27
CA ASP A 7 12.37 11.06 -13.09
C ASP A 7 12.32 10.70 -11.59
N MET A 8 11.92 9.47 -11.32
CA MET A 8 11.63 8.93 -9.97
C MET A 8 12.76 7.98 -9.57
N TYR A 9 13.02 7.84 -8.26
CA TYR A 9 14.08 6.93 -7.73
C TYR A 9 13.60 6.33 -6.41
N ILE A 10 14.28 5.27 -5.95
CA ILE A 10 13.90 4.58 -4.69
C ILE A 10 15.02 4.68 -3.65
N GLU A 11 14.58 4.70 -2.40
CA GLU A 11 15.41 4.76 -1.17
C GLU A 11 14.85 3.77 -0.13
N ARG A 12 15.68 2.87 0.40
CA ARG A 12 15.28 1.84 1.40
C ARG A 12 14.86 2.54 2.72
N ALA A 13 13.73 2.11 3.29
CA ALA A 13 13.06 2.71 4.46
C ALA A 13 12.99 1.75 5.66
N GLY A 14 13.15 0.43 5.48
CA GLY A 14 13.06 -0.53 6.59
C GLY A 14 12.95 -1.97 6.14
N ASP A 15 12.97 -2.88 7.12
CA ASP A 15 12.78 -4.36 6.99
C ASP A 15 11.29 -4.57 7.10
N ILE A 16 10.76 -5.63 6.52
CA ILE A 16 9.32 -5.93 6.70
C ILE A 16 9.23 -6.99 7.80
N THR A 17 8.88 -6.52 9.00
N THR A 17 8.83 -6.56 9.00
N THR A 17 8.88 -6.52 9.00
N THR A 17 8.83 -6.56 9.00
CA THR A 17 8.78 -7.32 10.25
CA THR A 17 8.83 -7.38 10.25
CA THR A 17 8.78 -7.32 10.25
CA THR A 17 8.83 -7.38 10.25
C THR A 17 7.50 -6.93 10.99
C THR A 17 7.68 -6.93 11.16
C THR A 17 7.50 -6.93 10.99
C THR A 17 7.68 -6.93 11.16
N TRP A 18 6.91 -7.88 11.71
CA TRP A 18 5.87 -7.59 12.72
C TRP A 18 6.61 -7.07 13.98
N GLU A 19 6.16 -5.97 14.59
CA GLU A 19 6.81 -5.40 15.80
C GLU A 19 5.88 -5.60 16.99
N LYS A 20 6.28 -6.42 17.95
CA LYS A 20 5.50 -6.63 19.21
C LYS A 20 5.38 -5.27 19.89
N ASP A 21 4.20 -4.93 20.41
CA ASP A 21 3.95 -3.59 21.01
C ASP A 21 4.29 -2.50 19.98
N ALA A 22 3.85 -2.69 18.75
CA ALA A 22 3.42 -1.58 17.86
C ALA A 22 2.20 -0.89 18.52
N GLU A 23 2.10 0.42 18.26
CA GLU A 23 0.91 1.29 18.52
C GLU A 23 -0.32 0.65 17.88
N VAL A 24 -1.41 0.47 18.64
CA VAL A 24 -2.64 -0.23 18.18
C VAL A 24 -3.76 0.81 18.04
N THR A 25 -4.34 1.00 16.84
CA THR A 25 -5.44 1.99 16.64
C THR A 25 -6.18 1.75 15.32
N GLY A 26 -7.12 2.64 14.99
CA GLY A 26 -8.04 2.50 13.86
C GLY A 26 -9.24 1.62 14.18
N ASN A 27 -10.39 1.88 13.55
CA ASN A 27 -11.61 1.05 13.68
C ASN A 27 -11.72 0.12 12.45
N SER A 28 -12.86 -0.59 12.31
CA SER A 28 -13.06 -1.71 11.35
C SER A 28 -14.39 -1.59 10.64
N PRO A 29 -14.67 -0.52 9.87
CA PRO A 29 -15.99 -0.34 9.27
C PRO A 29 -16.27 -1.41 8.19
N ARG A 30 -17.54 -1.79 8.06
CA ARG A 30 -18.09 -2.62 6.95
C ARG A 30 -18.80 -1.69 5.98
N LEU A 31 -18.21 -1.48 4.79
CA LEU A 31 -18.67 -0.48 3.79
C LEU A 31 -18.99 -1.21 2.47
N ASP A 32 -20.12 -0.87 1.84
CA ASP A 32 -20.46 -1.25 0.45
C ASP A 32 -19.78 -0.26 -0.49
N VAL A 33 -18.93 -0.73 -1.41
CA VAL A 33 -18.19 0.17 -2.36
C VAL A 33 -18.36 -0.35 -3.80
N ALA A 34 -18.25 0.52 -4.81
CA ALA A 34 -18.10 0.13 -6.24
C ALA A 34 -16.66 0.40 -6.70
N LEU A 35 -16.17 -0.41 -7.63
CA LEU A 35 -14.83 -0.21 -8.25
C LEU A 35 -15.07 0.06 -9.74
N ASP A 36 -14.70 1.25 -10.24
CA ASP A 36 -14.84 1.62 -11.69
C ASP A 36 -13.60 1.16 -12.45
N GLU A 37 -13.62 1.37 -13.75
CA GLU A 37 -12.59 0.88 -14.69
C GLU A 37 -11.28 1.63 -14.47
N SER A 38 -11.33 2.85 -13.92
CA SER A 38 -10.16 3.69 -13.58
C SER A 38 -9.48 3.25 -12.28
N GLY A 39 -10.01 2.22 -11.61
CA GLY A 39 -9.45 1.73 -10.33
C GLY A 39 -9.81 2.61 -9.15
N ASP A 40 -10.94 3.33 -9.23
CA ASP A 40 -11.41 4.23 -8.14
C ASP A 40 -12.56 3.55 -7.36
N PHE A 41 -12.43 3.42 -6.03
CA PHE A 41 -13.55 2.99 -5.18
C PHE A 41 -14.45 4.19 -4.91
N SER A 42 -15.76 3.95 -4.84
CA SER A 42 -16.76 4.95 -4.42
C SER A 42 -17.74 4.30 -3.43
N LEU A 43 -18.25 5.09 -2.48
CA LEU A 43 -19.24 4.60 -1.49
C LEU A 43 -20.61 4.46 -2.17
N VAL A 44 -21.06 3.22 -2.30
CA VAL A 44 -22.47 2.84 -2.61
C VAL A 44 -23.30 3.10 -1.36
N GLU A 45 -24.50 3.67 -1.47
CA GLU A 45 -25.36 3.83 -0.28
C GLU A 45 -26.84 3.85 -0.73
N GLY B 7 21.90 -2.21 -8.79
CA GLY B 7 21.01 -1.47 -7.83
C GLY B 7 20.91 -2.16 -6.46
N GLU B 8 20.22 -1.51 -5.51
CA GLU B 8 19.81 -2.08 -4.21
C GLU B 8 18.62 -3.03 -4.44
N THR B 9 18.89 -4.32 -4.57
N THR B 9 18.90 -4.32 -4.56
N THR B 9 18.89 -4.32 -4.57
N THR B 9 18.90 -4.32 -4.56
CA THR B 9 17.89 -5.39 -4.84
CA THR B 9 17.92 -5.40 -4.84
CA THR B 9 17.89 -5.39 -4.84
CA THR B 9 17.92 -5.40 -4.84
C THR B 9 17.39 -5.99 -3.52
C THR B 9 17.41 -6.00 -3.52
C THR B 9 17.39 -5.99 -3.52
C THR B 9 17.41 -6.00 -3.52
N THR B 10 17.94 -5.53 -2.38
CA THR B 10 17.67 -6.10 -1.04
C THR B 10 16.19 -6.03 -0.70
N ASP B 11 15.63 -7.09 -0.12
CA ASP B 11 14.23 -7.15 0.35
C ASP B 11 13.93 -5.98 1.31
N GLY B 12 12.66 -5.64 1.51
CA GLY B 12 12.22 -4.62 2.47
C GLY B 12 11.41 -3.50 1.83
N VAL B 13 11.04 -2.50 2.63
CA VAL B 13 10.19 -1.34 2.22
C VAL B 13 11.09 -0.17 1.80
N TYR B 14 10.63 0.57 0.79
CA TYR B 14 11.36 1.66 0.09
C TYR B 14 10.45 2.86 -0.11
N ARG B 15 11.08 4.04 -0.19
CA ARG B 15 10.36 5.28 -0.56
C ARG B 15 10.40 5.42 -2.07
N VAL B 16 9.38 6.06 -2.63
CA VAL B 16 9.38 6.47 -4.06
C VAL B 16 9.37 8.01 -4.13
N MET B 17 10.46 8.54 -4.64
CA MET B 17 10.82 9.97 -4.67
C MET B 17 10.81 10.47 -6.12
N THR B 18 10.47 11.75 -6.31
CA THR B 18 10.70 12.48 -7.58
C THR B 18 11.37 13.84 -7.33
N ARG B 19 12.05 14.38 -8.34
CA ARG B 19 12.65 15.74 -8.27
C ARG B 19 11.85 16.70 -9.16
N ARG B 20 10.77 16.21 -9.78
CA ARG B 20 9.99 16.90 -10.85
C ARG B 20 9.10 17.99 -10.22
N LEU B 21 8.71 17.83 -8.96
CA LEU B 21 8.02 18.88 -8.17
C LEU B 21 9.08 19.68 -7.42
N LEU B 22 8.69 20.48 -6.43
CA LEU B 22 9.61 21.26 -5.57
C LEU B 22 10.50 20.32 -4.75
N GLY B 23 11.80 20.64 -4.66
CA GLY B 23 12.75 19.87 -3.83
C GLY B 23 12.75 18.37 -4.13
N SER B 24 12.70 17.53 -3.10
CA SER B 24 12.54 16.06 -3.24
C SER B 24 11.20 15.68 -2.63
N THR B 25 10.24 15.26 -3.46
CA THR B 25 8.89 14.88 -2.97
C THR B 25 8.75 13.37 -2.98
N GLN B 26 8.19 12.80 -1.92
CA GLN B 26 7.87 11.35 -1.83
C GLN B 26 6.47 11.17 -2.44
N VAL B 27 6.39 10.51 -3.59
CA VAL B 27 5.08 10.25 -4.25
C VAL B 27 4.47 8.96 -3.72
N GLY B 28 5.29 8.06 -3.17
CA GLY B 28 4.77 6.91 -2.40
C GLY B 28 5.86 5.94 -1.95
N VAL B 29 5.42 4.70 -1.70
CA VAL B 29 6.18 3.57 -1.10
C VAL B 29 6.05 2.30 -1.95
N GLY B 30 6.96 1.36 -1.80
CA GLY B 30 6.87 0.04 -2.43
C GLY B 30 7.54 -1.06 -1.61
N VAL B 31 7.52 -2.27 -2.18
CA VAL B 31 8.02 -3.47 -1.51
C VAL B 31 8.95 -4.18 -2.45
N MET B 32 10.16 -4.41 -1.98
CA MET B 32 11.14 -5.23 -2.73
C MET B 32 11.10 -6.64 -2.15
N GLN B 33 10.88 -7.66 -3.01
CA GLN B 33 10.82 -9.08 -2.61
C GLN B 33 11.20 -9.98 -3.77
N GLU B 34 12.14 -10.89 -3.53
CA GLU B 34 12.63 -11.83 -4.57
C GLU B 34 13.01 -11.04 -5.82
N GLY B 35 13.62 -9.88 -5.66
CA GLY B 35 14.27 -9.15 -6.77
C GLY B 35 13.26 -8.36 -7.57
N VAL B 36 12.02 -8.30 -7.11
CA VAL B 36 10.89 -7.61 -7.77
C VAL B 36 10.44 -6.46 -6.87
N PHE B 37 10.29 -5.27 -7.47
CA PHE B 37 9.65 -4.12 -6.78
C PHE B 37 8.13 -4.08 -7.04
N HIS B 38 7.35 -4.03 -6.00
CA HIS B 38 5.85 -3.94 -5.97
C HIS B 38 5.40 -2.58 -5.46
N THR B 39 4.59 -1.82 -6.22
CA THR B 39 3.92 -0.59 -5.69
C THR B 39 2.50 -0.41 -6.26
N MET B 40 1.78 0.67 -5.92
CA MET B 40 0.49 0.99 -6.53
C MET B 40 0.71 1.74 -7.86
N TRP B 41 -0.18 1.51 -8.84
N TRP B 41 -0.18 1.52 -8.85
N TRP B 41 -0.18 1.51 -8.84
N TRP B 41 -0.18 1.51 -8.85
CA TRP B 41 -0.08 2.07 -10.20
CA TRP B 41 -0.01 2.08 -10.21
CA TRP B 41 -0.08 2.07 -10.20
CA TRP B 41 -0.01 2.08 -10.21
C TRP B 41 -0.07 3.61 -10.11
C TRP B 41 -0.08 3.62 -10.14
C TRP B 41 -0.07 3.61 -10.11
C TRP B 41 -0.09 3.62 -10.14
N HIS B 42 -1.01 4.18 -9.36
CA HIS B 42 -1.12 5.66 -9.24
C HIS B 42 0.15 6.32 -8.69
N VAL B 43 1.04 5.57 -8.01
CA VAL B 43 2.31 6.14 -7.48
C VAL B 43 3.24 6.47 -8.64
N THR B 44 3.47 5.54 -9.59
CA THR B 44 4.46 5.71 -10.70
C THR B 44 3.78 6.00 -12.05
N LYS B 45 2.50 5.67 -12.20
CA LYS B 45 1.79 5.66 -13.52
C LYS B 45 2.57 4.78 -14.55
N GLY B 46 3.32 3.77 -14.09
CA GLY B 46 4.02 2.77 -14.90
C GLY B 46 5.36 3.24 -15.39
N ALA B 47 5.87 4.37 -14.87
CA ALA B 47 7.16 4.94 -15.34
C ALA B 47 8.34 4.17 -14.77
N ALA B 48 9.48 4.20 -15.45
CA ALA B 48 10.74 3.58 -14.98
C ALA B 48 11.22 4.31 -13.72
N LEU B 49 11.98 3.57 -12.88
CA LEU B 49 12.55 4.01 -11.57
C LEU B 49 14.07 3.82 -11.56
N ARG B 50 14.77 4.68 -10.84
CA ARG B 50 16.24 4.61 -10.60
C ARG B 50 16.48 4.04 -9.19
N SER B 51 17.52 3.22 -9.05
CA SER B 51 18.02 2.62 -7.79
C SER B 51 19.55 2.69 -7.78
N GLY B 52 20.11 3.82 -7.33
CA GLY B 52 21.55 4.09 -7.46
C GLY B 52 21.91 4.37 -8.90
N GLU B 53 22.82 3.60 -9.50
CA GLU B 53 23.04 3.55 -10.98
C GLU B 53 21.95 2.73 -11.65
N GLY B 54 21.56 1.63 -11.00
CA GLY B 54 20.59 0.62 -11.47
C GLY B 54 19.29 1.25 -11.92
N ARG B 55 18.71 0.72 -13.00
CA ARG B 55 17.38 1.10 -13.52
C ARG B 55 16.36 0.01 -13.14
N LEU B 56 15.10 0.39 -12.95
CA LEU B 56 13.96 -0.56 -12.75
C LEU B 56 12.91 -0.31 -13.84
N ASP B 57 12.65 -1.29 -14.71
CA ASP B 57 11.64 -1.23 -15.81
C ASP B 57 10.37 -1.96 -15.40
N PRO B 58 9.19 -1.40 -15.73
CA PRO B 58 7.94 -2.06 -15.39
C PRO B 58 7.86 -3.41 -16.13
N TYR B 59 7.26 -4.41 -15.49
CA TYR B 59 7.13 -5.79 -15.99
C TYR B 59 5.66 -6.16 -16.14
N TRP B 60 4.85 -5.81 -15.16
CA TRP B 60 3.39 -6.10 -15.09
C TRP B 60 2.68 -4.91 -14.44
N GLY B 61 1.48 -4.59 -14.91
CA GLY B 61 0.54 -3.73 -14.16
C GLY B 61 -0.89 -3.76 -14.66
N ASP B 62 -1.81 -3.23 -13.89
CA ASP B 62 -3.26 -3.16 -14.15
C ASP B 62 -3.82 -1.92 -13.44
N VAL B 63 -4.31 -0.91 -14.16
CA VAL B 63 -4.90 0.36 -13.60
C VAL B 63 -6.10 0.02 -12.73
N LYS B 64 -6.85 -1.03 -13.05
CA LYS B 64 -8.08 -1.32 -12.26
C LYS B 64 -7.71 -1.92 -10.89
N GLN B 65 -6.74 -2.83 -10.81
CA GLN B 65 -6.28 -3.33 -9.48
C GLN B 65 -5.44 -2.25 -8.79
N ASP B 66 -4.95 -1.27 -9.56
CA ASP B 66 -4.07 -0.13 -9.16
C ASP B 66 -2.74 -0.66 -8.65
N LEU B 67 -2.14 -1.59 -9.39
CA LEU B 67 -0.88 -2.25 -9.00
C LEU B 67 0.10 -2.25 -10.17
N VAL B 68 1.39 -2.35 -9.83
CA VAL B 68 2.49 -2.47 -10.84
C VAL B 68 3.66 -3.24 -10.21
N SER B 69 4.40 -4.00 -11.02
CA SER B 69 5.61 -4.73 -10.55
C SER B 69 6.76 -4.39 -11.48
N TYR B 70 7.99 -4.45 -10.97
CA TYR B 70 9.20 -4.02 -11.72
C TYR B 70 10.24 -5.14 -11.73
N CYS B 71 10.87 -5.42 -12.86
CA CYS B 71 12.02 -6.38 -12.97
C CYS B 71 11.50 -7.81 -12.93
N GLY B 72 10.22 -8.02 -12.61
CA GLY B 72 9.67 -9.36 -12.70
C GLY B 72 8.20 -9.38 -12.32
N PRO B 73 7.56 -10.58 -12.36
CA PRO B 73 6.15 -10.73 -12.00
C PRO B 73 5.84 -10.48 -10.53
N TRP B 74 4.56 -10.17 -10.26
CA TRP B 74 4.08 -9.98 -8.86
C TRP B 74 4.43 -11.21 -8.01
N LYS B 75 4.99 -11.02 -6.80
CA LYS B 75 5.52 -12.11 -5.92
C LYS B 75 4.70 -12.26 -4.65
N LEU B 76 3.96 -11.24 -4.22
CA LEU B 76 3.26 -11.21 -2.92
C LEU B 76 1.96 -11.98 -3.05
N ASP B 77 1.77 -13.05 -2.30
CA ASP B 77 0.59 -13.94 -2.44
C ASP B 77 -0.10 -14.18 -1.09
N ALA B 78 0.43 -13.71 0.03
CA ALA B 78 -0.25 -13.87 1.32
C ALA B 78 -1.52 -13.02 1.28
N ALA B 79 -2.52 -13.46 2.03
CA ALA B 79 -3.87 -12.87 2.16
C ALA B 79 -4.26 -12.78 3.64
N TRP B 80 -5.07 -11.79 4.01
CA TRP B 80 -5.70 -11.63 5.36
C TRP B 80 -6.60 -12.86 5.61
N ASP B 81 -6.56 -13.45 6.82
CA ASP B 81 -7.33 -14.68 7.15
C ASP B 81 -8.81 -14.30 7.41
N GLY B 82 -9.08 -13.00 7.53
CA GLY B 82 -10.43 -12.41 7.70
C GLY B 82 -10.77 -12.24 9.16
N LEU B 83 -9.81 -12.56 10.06
CA LEU B 83 -10.00 -12.71 11.53
C LEU B 83 -9.04 -11.83 12.32
N SER B 84 -7.73 -11.95 12.07
CA SER B 84 -6.65 -11.39 12.94
C SER B 84 -6.36 -9.92 12.63
N GLU B 85 -5.80 -9.24 13.61
CA GLU B 85 -5.21 -7.89 13.50
C GLU B 85 -4.04 -7.99 12.52
N VAL B 86 -3.64 -6.85 12.00
CA VAL B 86 -2.49 -6.76 11.08
C VAL B 86 -1.70 -5.53 11.47
N GLN B 87 -0.64 -5.26 10.71
CA GLN B 87 0.12 -4.00 10.88
C GLN B 87 0.30 -3.32 9.53
N LEU B 88 -0.08 -2.04 9.47
CA LEU B 88 0.43 -1.15 8.39
C LEU B 88 1.86 -0.76 8.72
N LEU B 89 2.81 -1.14 7.89
CA LEU B 89 4.18 -0.62 7.99
C LEU B 89 4.20 0.70 7.22
N ALA B 90 3.76 1.79 7.85
CA ALA B 90 3.53 3.12 7.23
C ALA B 90 4.88 3.79 7.01
N VAL B 91 5.11 4.40 5.86
CA VAL B 91 6.37 5.14 5.58
C VAL B 91 6.00 6.55 5.15
N PRO B 92 5.65 7.47 6.10
CA PRO B 92 5.15 8.78 5.76
C PRO B 92 6.27 9.64 5.19
N PRO B 93 5.95 10.67 4.40
CA PRO B 93 7.02 11.52 3.85
C PRO B 93 7.79 12.18 5.01
N GLY B 94 9.12 12.05 4.92
CA GLY B 94 10.11 12.72 5.77
C GLY B 94 10.11 12.19 7.19
N GLU B 95 9.39 11.09 7.46
CA GLU B 95 9.29 10.46 8.79
C GLU B 95 9.74 9.00 8.66
N ARG B 96 10.13 8.40 9.78
CA ARG B 96 10.68 7.03 9.89
C ARG B 96 9.53 6.02 9.68
N ALA B 97 9.84 4.91 9.03
CA ALA B 97 8.95 3.72 8.97
C ALA B 97 8.38 3.49 10.37
N LYS B 98 7.09 3.26 10.53
CA LYS B 98 6.41 3.11 11.83
C LYS B 98 5.28 2.09 11.69
N ASN B 99 5.31 0.99 12.46
CA ASN B 99 4.27 -0.08 12.44
C ASN B 99 3.01 0.41 13.15
N ILE B 100 1.83 0.21 12.58
CA ILE B 100 0.56 0.48 13.30
C ILE B 100 -0.30 -0.77 13.23
N GLN B 101 -0.83 -1.21 14.36
CA GLN B 101 -1.61 -2.46 14.42
C GLN B 101 -3.09 -2.13 14.42
N THR B 102 -3.90 -2.93 13.70
CA THR B 102 -5.34 -2.64 13.58
C THR B 102 -6.10 -3.91 13.20
N LEU B 103 -7.39 -3.96 13.53
CA LEU B 103 -8.28 -4.97 12.92
C LEU B 103 -8.87 -4.36 11.64
N PRO B 104 -8.69 -5.03 10.49
CA PRO B 104 -9.29 -4.55 9.25
C PRO B 104 -10.82 -4.58 9.31
N GLY B 105 -11.41 -3.60 8.61
CA GLY B 105 -12.84 -3.59 8.28
C GLY B 105 -13.01 -4.31 6.94
N ILE B 106 -14.12 -4.05 6.24
CA ILE B 106 -14.54 -4.77 4.99
C ILE B 106 -15.03 -3.75 3.96
N PHE B 107 -14.58 -3.93 2.71
CA PHE B 107 -15.22 -3.41 1.50
C PHE B 107 -16.07 -4.55 0.90
N LYS B 108 -17.39 -4.41 0.95
CA LYS B 108 -18.34 -5.34 0.28
C LYS B 108 -18.57 -4.89 -1.16
N THR B 109 -18.24 -5.73 -2.15
CA THR B 109 -18.38 -5.40 -3.59
C THR B 109 -19.24 -6.46 -4.30
N LYS B 110 -19.78 -6.10 -5.46
CA LYS B 110 -20.55 -7.02 -6.33
C LYS B 110 -19.66 -8.23 -6.71
N ASP B 111 -18.33 -8.11 -6.52
CA ASP B 111 -17.36 -9.16 -6.91
C ASP B 111 -16.80 -9.88 -5.69
N GLY B 112 -17.39 -9.70 -4.51
CA GLY B 112 -16.84 -10.31 -3.29
C GLY B 112 -16.19 -9.29 -2.37
N ASP B 113 -15.64 -9.73 -1.24
CA ASP B 113 -15.26 -8.83 -0.12
C ASP B 113 -13.74 -8.75 -0.01
N ILE B 114 -13.25 -7.57 0.35
CA ILE B 114 -11.80 -7.25 0.54
C ILE B 114 -11.66 -6.64 1.93
N GLY B 115 -10.56 -6.96 2.61
CA GLY B 115 -10.17 -6.30 3.87
C GLY B 115 -9.95 -4.82 3.63
N ALA B 116 -10.20 -3.98 4.63
CA ALA B 116 -9.90 -2.54 4.54
C ALA B 116 -9.31 -2.08 5.88
N VAL B 117 -8.31 -1.19 5.84
N VAL B 117 -8.35 -1.15 5.83
N VAL B 117 -8.31 -1.19 5.84
N VAL B 117 -8.35 -1.15 5.83
CA VAL B 117 -7.63 -0.60 7.04
CA VAL B 117 -7.64 -0.58 7.01
CA VAL B 117 -7.63 -0.60 7.04
CA VAL B 117 -7.64 -0.58 7.01
C VAL B 117 -8.04 0.88 7.16
C VAL B 117 -8.05 0.89 7.15
C VAL B 117 -8.04 0.88 7.16
C VAL B 117 -8.05 0.89 7.15
N ALA B 118 -8.65 1.26 8.29
CA ALA B 118 -9.10 2.65 8.54
C ALA B 118 -7.99 3.44 9.24
N LEU B 119 -6.95 3.84 8.48
CA LEU B 119 -5.81 4.65 8.99
C LEU B 119 -5.52 5.82 8.04
N ASP B 120 -5.47 7.03 8.60
CA ASP B 120 -5.22 8.31 7.86
C ASP B 120 -3.73 8.58 7.81
N TYR B 121 -3.19 8.74 6.62
CA TYR B 121 -1.80 9.18 6.40
C TYR B 121 -1.74 10.03 5.14
N PRO B 122 -0.70 10.88 4.99
CA PRO B 122 -0.49 11.64 3.78
C PRO B 122 -0.50 10.75 2.53
N ALA B 123 -0.73 11.41 1.39
CA ALA B 123 -0.91 10.73 0.11
C ALA B 123 0.36 9.94 -0.23
N GLY B 124 1.54 10.52 0.03
CA GLY B 124 2.86 9.96 -0.28
C GLY B 124 3.15 8.67 0.49
N THR B 125 2.21 8.22 1.32
CA THR B 125 2.29 6.92 2.03
C THR B 125 1.74 5.78 1.15
N SER B 126 1.17 6.12 -0.01
CA SER B 126 0.52 5.13 -0.91
C SER B 126 1.55 4.03 -1.19
N GLY B 127 1.19 2.76 -0.94
CA GLY B 127 2.14 1.69 -1.36
C GLY B 127 2.84 1.04 -0.15
N SER B 128 2.60 1.62 1.05
CA SER B 128 3.04 1.04 2.33
C SER B 128 2.42 -0.34 2.48
N PRO B 129 3.25 -1.35 2.85
CA PRO B 129 2.77 -2.72 3.03
C PRO B 129 1.98 -3.01 4.28
N ILE B 130 1.02 -3.92 4.09
CA ILE B 130 0.21 -4.49 5.22
C ILE B 130 0.67 -5.92 5.48
N LEU B 131 0.92 -6.28 6.76
CA LEU B 131 1.62 -7.51 7.24
C LEU B 131 0.69 -8.41 8.04
N ASP B 132 0.90 -9.74 7.96
CA ASP B 132 0.27 -10.70 8.92
C ASP B 132 1.28 -11.00 10.05
N LYS B 133 0.90 -11.84 10.99
CA LYS B 133 1.70 -12.12 12.23
C LYS B 133 3.01 -12.85 11.86
N CYS B 134 3.09 -13.57 10.74
CA CYS B 134 4.36 -14.21 10.31
C CYS B 134 5.22 -13.21 9.56
N GLY B 135 4.80 -11.95 9.43
CA GLY B 135 5.57 -10.94 8.67
C GLY B 135 5.35 -10.97 7.15
N ARG B 136 4.29 -11.60 6.64
CA ARG B 136 4.19 -11.74 5.16
C ARG B 136 3.35 -10.57 4.62
N VAL B 137 3.67 -10.03 3.45
CA VAL B 137 2.91 -8.87 2.92
C VAL B 137 1.57 -9.39 2.36
N ILE B 138 0.45 -8.95 2.92
CA ILE B 138 -0.94 -9.36 2.51
C ILE B 138 -1.60 -8.29 1.61
N GLY B 139 -0.89 -7.20 1.26
CA GLY B 139 -1.43 -6.13 0.40
C GLY B 139 -0.77 -4.78 0.60
N LEU B 140 -1.00 -3.84 -0.31
CA LEU B 140 -0.52 -2.44 -0.22
C LEU B 140 -1.70 -1.54 0.14
N TYR B 141 -1.37 -0.50 0.94
CA TYR B 141 -2.18 0.63 1.45
C TYR B 141 -2.15 1.82 0.50
N GLY B 142 -3.34 2.43 0.32
CA GLY B 142 -3.44 3.74 -0.35
C GLY B 142 -4.33 3.81 -1.59
N ASN B 143 -5.25 2.85 -1.78
CA ASN B 143 -6.38 2.98 -2.73
C ASN B 143 -7.63 2.63 -1.95
N GLY B 144 -8.54 3.58 -1.84
CA GLY B 144 -9.67 3.44 -0.94
C GLY B 144 -10.59 4.63 -1.08
N VAL B 145 -11.31 4.93 -0.01
CA VAL B 145 -12.41 5.91 -0.04
C VAL B 145 -12.38 6.76 1.24
N VAL B 146 -13.14 7.84 1.25
CA VAL B 146 -13.26 8.83 2.35
C VAL B 146 -14.67 8.71 2.90
N ILE B 147 -14.85 8.52 4.20
CA ILE B 147 -16.16 8.14 4.81
C ILE B 147 -16.80 9.38 5.46
N LYS B 148 -18.02 9.21 5.99
N LYS B 148 -18.02 9.21 5.99
N LYS B 148 -18.02 9.21 5.98
N LYS B 148 -18.02 9.21 5.98
CA LYS B 148 -18.84 10.29 6.62
CA LYS B 148 -18.84 10.29 6.62
CA LYS B 148 -18.84 10.28 6.63
CA LYS B 148 -18.84 10.28 6.63
C LYS B 148 -17.97 11.24 7.44
C LYS B 148 -17.97 11.24 7.44
C LYS B 148 -17.95 11.26 7.41
C LYS B 148 -17.95 11.26 7.41
N ASN B 149 -17.08 10.69 8.27
N ASN B 149 -17.08 10.69 8.27
N ASN B 149 -17.10 10.72 8.29
N ASN B 149 -17.10 10.72 8.29
CA ASN B 149 -16.18 11.45 9.19
CA ASN B 149 -16.18 11.45 9.19
CA ASN B 149 -16.20 11.50 9.19
CA ASN B 149 -16.20 11.50 9.19
C ASN B 149 -15.28 12.41 8.41
C ASN B 149 -15.28 12.41 8.41
C ASN B 149 -15.32 12.45 8.39
C ASN B 149 -15.32 12.45 8.39
N GLY B 150 -14.92 12.06 7.17
CA GLY B 150 -13.85 12.76 6.42
C GLY B 150 -12.54 11.99 6.61
N SER B 151 -12.60 10.85 7.32
N SER B 151 -12.63 10.85 7.30
N SER B 151 -12.60 10.85 7.32
N SER B 151 -12.63 10.85 7.30
CA SER B 151 -11.47 9.93 7.53
CA SER B 151 -11.53 9.89 7.53
CA SER B 151 -11.47 9.93 7.53
CA SER B 151 -11.53 9.89 7.53
C SER B 151 -11.35 8.98 6.33
C SER B 151 -11.36 8.97 6.31
C SER B 151 -11.35 8.98 6.33
C SER B 151 -11.36 8.97 6.31
N TYR B 152 -10.15 8.45 6.11
CA TYR B 152 -9.82 7.60 4.94
C TYR B 152 -9.95 6.13 5.34
N VAL B 153 -10.43 5.30 4.41
CA VAL B 153 -10.39 3.83 4.56
C VAL B 153 -9.73 3.28 3.29
N SER B 154 -8.58 2.59 3.42
CA SER B 154 -7.87 1.94 2.27
C SER B 154 -8.31 0.48 2.10
N ALA B 155 -8.50 0.01 0.88
CA ALA B 155 -8.51 -1.44 0.59
C ALA B 155 -7.13 -2.02 0.99
N ILE B 156 -7.17 -3.28 1.39
CA ILE B 156 -5.97 -4.16 1.37
C ILE B 156 -5.87 -4.68 -0.07
N THR B 157 -5.10 -4.00 -0.93
CA THR B 157 -4.93 -4.36 -2.35
C THR B 157 -3.80 -5.38 -2.48
N GLN B 158 -4.10 -6.56 -3.04
CA GLN B 158 -3.14 -7.67 -3.27
C GLN B 158 -3.25 -8.11 -4.72
N GLY B 159 -2.12 -8.45 -5.37
CA GLY B 159 -2.10 -9.09 -6.69
C GLY B 159 -2.10 -10.61 -6.62
N LYS B 160 -1.92 -11.25 -7.78
CA LYS B 160 -1.90 -12.72 -8.01
C LYS B 160 -0.45 -13.14 -8.35
N ARG B 161 -0.06 -14.34 -7.93
CA ARG B 161 1.23 -15.01 -8.29
C ARG B 161 0.92 -16.23 -9.17
N GLU B 162 1.74 -16.51 -10.19
CA GLU B 162 1.52 -17.62 -11.17
C GLU B 162 2.12 -18.93 -10.62
S DMS C . -4.23 9.08 0.33
S DMS C . -4.23 9.08 0.33
O DMS C . -5.67 9.15 0.73
O DMS C . -5.67 9.15 0.73
C1 DMS C . -4.20 8.34 -1.29
C1 DMS C . -4.20 8.34 -1.29
C2 DMS C . -3.53 7.70 1.22
C2 DMS C . -3.54 7.70 1.22
S DMS D . 4.73 6.66 -18.72
O DMS D . 4.46 5.25 -18.29
C1 DMS D . 6.45 6.98 -18.45
C2 DMS D . 4.07 7.71 -17.44
S DMS E . -7.24 7.09 -2.48
S DMS E . -7.23 7.10 -2.48
O DMS E . -7.94 5.78 -2.53
O DMS E . -7.94 5.78 -2.54
C1 DMS E . -6.14 7.13 -3.88
C1 DMS E . -6.14 7.13 -3.88
C2 DMS E . -8.40 8.31 -3.03
C2 DMS E . -8.40 8.31 -3.03
N1 A1BGL F . -6.26 7.04 -7.66
N1 A1BGL F . -6.26 7.04 -7.66
N3 A1BGL F . -4.45 8.33 -3.39
N3 A1BGL F . -4.45 8.33 -3.39
C4 A1BGL F . -4.48 8.71 -7.56
C4 A1BGL F . -4.48 8.71 -7.56
C5 A1BGL F . -5.37 7.82 -6.94
C5 A1BGL F . -5.37 7.82 -6.94
C6 A1BGL F . -6.67 7.47 -9.00
C6 A1BGL F . -6.67 7.47 -9.00
C7 A1BGL F . -6.16 6.51 -10.07
C7 A1BGL F . -6.16 6.51 -10.07
C8 A1BGL F . -6.99 4.84 -8.53
C8 A1BGL F . -6.99 4.84 -8.53
C10 A1BGL F . -5.34 7.71 -5.54
C10 A1BGL F . -5.34 7.71 -5.54
C13 A1BGL F . -4.87 9.00 -1.08
C13 A1BGL F . -4.87 9.00 -1.08
C15 A1BGL F . -3.55 8.14 0.77
C15 A1BGL F . -3.55 8.14 0.77
C17 A1BGL F . -5.54 9.41 1.26
C17 A1BGL F . -5.54 9.41 1.26
C20 A1BGL F . -6.93 10.31 -0.51
C20 A1BGL F . -6.93 10.31 -0.51
C21 A1BGL F . -5.79 9.57 -0.14
C21 A1BGL F . -5.79 9.57 -0.14
C1 A1BGL F . -3.34 11.73 -3.97
C1 A1BGL F . -3.34 11.73 -3.97
S1 A1BGL F . -2.42 10.32 -4.48
S1 A1BGL F . -2.42 10.32 -4.48
O1 A1BGL F . -2.07 9.56 -3.33
O1 A1BGL F . -2.07 9.56 -3.33
O2 A1BGL F . -1.37 10.77 -5.35
O2 A1BGL F . -1.37 10.77 -5.35
C2 A1BGL F . -3.57 9.35 -5.43
C2 A1BGL F . -3.57 9.35 -5.43
C3 A1BGL F . -3.60 9.47 -6.82
C3 A1BGL F . -3.60 9.47 -6.82
N2 A1BGL F . -6.81 5.22 -9.93
N2 A1BGL F . -6.81 5.22 -9.93
C9 A1BGL F . -6.08 5.59 -7.57
C9 A1BGL F . -6.08 5.59 -7.57
C11 A1BGL F . -4.45 8.46 -4.80
C11 A1BGL F . -4.45 8.46 -4.80
C12 A1BGL F . -5.08 9.20 -2.55
C12 A1BGL F . -5.08 9.20 -2.55
O3 A1BGL F . -5.77 10.11 -2.95
O3 A1BGL F . -5.77 10.11 -2.95
C14 A1BGL F . -3.78 8.31 -0.61
C14 A1BGL F . -3.78 8.31 -0.61
C16 A1BGL F . -4.41 8.67 1.69
C16 A1BGL F . -4.41 8.67 1.69
N4 A1BGL F . -6.37 9.91 2.22
N4 A1BGL F . -6.37 9.91 2.22
C18 A1BGL F . -7.43 10.59 1.80
C18 A1BGL F . -7.43 10.59 1.80
C19 A1BGL F . -7.75 10.82 0.45
C19 A1BGL F . -7.75 10.82 0.45
S DMS G . -1.82 -15.32 10.68
S DMS G . -1.82 -15.32 10.68
O DMS G . -1.75 -13.85 11.01
O DMS G . -1.75 -13.85 11.01
C1 DMS G . -2.25 -16.16 12.18
C1 DMS G . -2.25 -16.16 12.18
C2 DMS G . -0.14 -15.88 10.56
C2 DMS G . -0.14 -15.88 10.56
S DMS H . -3.17 13.07 8.11
S DMS H . -3.17 13.07 8.11
O DMS H . -3.39 11.96 7.12
O DMS H . -3.39 11.96 7.12
C1 DMS H . -2.11 14.24 7.29
C1 DMS H . -2.11 14.24 7.29
C2 DMS H . -1.99 12.46 9.29
C2 DMS H . -1.99 12.46 9.29
#